data_7JZM
#
_entry.id   7JZM
#
_cell.length_a   1.00
_cell.length_b   1.00
_cell.length_c   1.00
_cell.angle_alpha   90.00
_cell.angle_beta   90.00
_cell.angle_gamma   90.00
#
_symmetry.space_group_name_H-M   'P 1'
#
loop_
_entity.id
_entity.type
_entity.pdbx_description
1 polymer LCB3
2 polymer 'Spike glycoprotein'
3 branched 2-acetamido-2-deoxy-beta-D-glucopyranose-(1-4)-[alpha-L-fucopyranose-(1-6)]2-acetamido-2-deoxy-beta-D-glucopyranose
#
loop_
_entity_poly.entity_id
_entity_poly.type
_entity_poly.pdbx_seq_one_letter_code
_entity_poly.pdbx_strand_id
1 'polypeptide(L)'
;MSHHHHHHHHSENLYFQSGSASHMGGSGGLNDDELHMLMTDLVYEALHFAKDEEIKKRVFQLFELADKAYKNNDRQKLEK
VVEELKELLERLLSGSGGSGLEGGGS
;
A
2 'polypeptide(L)'
;MFVFLVLLPLVSSQCVNLTTRTQLPPAYTNSFTRGVYYPDKVFRSSVLHSTQDLFLPFFSNVTWFHAIHVSGTNGTKRFD
NPVLPFNDGVYFASTEKSNIIRGWIFGTTLDSKTQSLLIVNNATNVVIKVCEFQFCNDPFLGVYYHKNNKSWMESEFRVY
SSANNCTFEYVSQPFLMDLEGKQGNFKNLREFVFKNIDGYFKIYSKHTPINLVRDLPQGFSALEPLVDLPIGINITRFQT
LLALHRSYLTPGDSSSGWTAGAAAYYVGYLQPRTFLLKYNENGTITDAVDCALDPLSETKCTLKSFTVEKGIYQTSNFRV
QPTESIVRFPNITNLCPFGEVFNATRFASVYAWNRKRISNCVADYSVLYNSASFSTFKCYGVSPTKLNDLCFTNVYADSF
VIRGDEVRQIAPGQTGKIADYNYKLPDDFTGCVIAWNSNNLDSKVGGNYNYLYRLFRKSNLKPFERDISTEIYQAGSTPC
NGVEGFNCYFPLQSYGFQPTNGVGYQPYRVVVLSFELLHAPATVCGPKKSTNLVKNKCVNFNFNGLTGTGVLTESNKKFL
PFQQFGRDIADTTDAVRDPQTLEILDITPCSFGGVSVITPGTNTSNQVAVLYQDVNCTEVPVAIHADQLTPTWRVYSTGS
NVFQTRAGCLIGAEHVNNSYECDIPIGAGICASYQTQTNSPGSASSVASQSIIAYTMSLGAENSVAYSNNSIAIPTNFTI
SVTTEILPVSMTKTSVDCTMYICGDSTECSNLLLQYGSFCTQLNRALTGIAVEQDKNTQEVFAQVKQIYKTPPIKDFGGF
NFSQILPDPSKPSKRSPIEDLLFNKVTLADAGFIKQYGDCLGDIAARDLICAQKFNGLTVLPPLLTDEMIAQYTSALLAG
TITSGWTFGAGPALQIPFPMQMAYRFNGIGVTQNVLYENQKLIANQFNSAIGKIQDSLSSTPSALGKLQDVVNQNAQALN
TLVKQLSSNFGAISSVLNDILSRLDPPEAEVQIDRLITGRLQSLQTYVTQQLIRAAEIRASANLAATKMSECVLGQSKRV
DFCGKGYHLMSFPQSAPHGVVFLHVTYVPAQEKNFTTAPAICHDGKAHFPREGVFVSNGTHWFVTQRNFYEPQIITTDNT
FVSGNCDVVIGIVNNTVYDPLQPELDSFKEELDKYFKNHTSPDVDLGDISGINASVVNIQKEIDRLNEVAKNLNESLIDL
QELGKYEQGSGYIPEAPRDGQAYVRKDGEWVLLSTFLGRSLEVLFQGPGHHHHHHHHSAWSHPQFEKGGGSGGGGSGGSA
WSHPQFEK
;
B
#
loop_
_chem_comp.id
_chem_comp.type
_chem_comp.name
_chem_comp.formula
FUC L-saccharide, alpha linking alpha-L-fucopyranose 'C6 H12 O5'
NAG D-saccharide, beta linking 2-acetamido-2-deoxy-beta-D-glucopyranose 'C8 H15 N O6'
#
# COMPACT_ATOMS: atom_id res chain seq x y z
N ASN A 31 0.39 1.82 -21.59
CA ASN A 31 1.57 2.23 -20.84
C ASN A 31 2.21 1.00 -20.18
N ASP A 32 3.55 0.92 -20.26
CA ASP A 32 4.33 -0.21 -19.76
C ASP A 32 4.34 -0.34 -18.24
N ASP A 33 4.29 0.79 -17.56
CA ASP A 33 4.34 0.74 -16.11
C ASP A 33 2.96 0.45 -15.58
N GLU A 34 1.95 0.97 -16.26
CA GLU A 34 0.59 0.68 -15.83
C GLU A 34 0.35 -0.81 -16.03
N LEU A 35 0.87 -1.33 -17.13
CA LEU A 35 0.67 -2.71 -17.47
C LEU A 35 1.34 -3.61 -16.46
N HIS A 36 2.55 -3.26 -16.03
CA HIS A 36 3.22 -4.06 -15.02
C HIS A 36 2.42 -4.08 -13.73
N MET A 37 1.91 -2.92 -13.34
CA MET A 37 1.12 -2.83 -12.12
C MET A 37 -0.16 -3.65 -12.25
N LEU A 38 -0.74 -3.68 -13.45
CA LEU A 38 -1.91 -4.51 -13.70
C LEU A 38 -1.54 -5.97 -13.57
N MET A 39 -0.39 -6.34 -14.11
CA MET A 39 0.07 -7.71 -14.06
C MET A 39 0.16 -8.20 -12.62
N THR A 40 0.74 -7.39 -11.75
CA THR A 40 0.87 -7.81 -10.36
C THR A 40 -0.49 -7.90 -9.67
N ASP A 41 -1.45 -7.08 -10.08
CA ASP A 41 -2.77 -7.19 -9.47
C ASP A 41 -3.41 -8.51 -9.85
N LEU A 42 -3.26 -8.88 -11.10
CA LEU A 42 -3.83 -10.11 -11.59
C LEU A 42 -3.17 -11.30 -10.91
N VAL A 43 -1.87 -11.19 -10.68
CA VAL A 43 -1.17 -12.26 -9.99
C VAL A 43 -1.65 -12.39 -8.56
N TYR A 44 -1.80 -11.28 -7.86
CA TYR A 44 -2.25 -11.38 -6.49
C TYR A 44 -3.59 -12.06 -6.40
N GLU A 45 -4.54 -11.63 -7.23
CA GLU A 45 -5.87 -12.20 -7.14
C GLU A 45 -5.85 -13.66 -7.60
N ALA A 46 -5.07 -13.95 -8.62
CA ALA A 46 -4.99 -15.31 -9.14
C ALA A 46 -4.47 -16.25 -8.07
N LEU A 47 -3.56 -15.79 -7.22
CA LEU A 47 -3.02 -16.62 -6.16
C LEU A 47 -3.89 -16.59 -4.91
N HIS A 48 -4.95 -15.79 -4.93
CA HIS A 48 -5.85 -15.68 -3.81
C HIS A 48 -6.92 -16.75 -3.93
N PHE A 49 -7.38 -16.94 -5.16
CA PHE A 49 -8.43 -17.88 -5.48
C PHE A 49 -7.86 -19.18 -6.03
N ALA A 50 -6.56 -19.37 -5.89
CA ALA A 50 -5.88 -20.55 -6.40
C ALA A 50 -6.09 -21.71 -5.47
N LYS A 51 -7.32 -22.24 -5.50
CA LYS A 51 -7.72 -23.35 -4.66
C LYS A 51 -6.95 -24.63 -4.96
N ASP A 52 -6.47 -24.76 -6.19
CA ASP A 52 -5.67 -25.90 -6.60
C ASP A 52 -4.20 -25.51 -6.68
N GLU A 53 -3.31 -26.45 -6.38
CA GLU A 53 -1.88 -26.19 -6.41
C GLU A 53 -1.39 -25.98 -7.84
N GLU A 54 -2.04 -26.64 -8.80
CA GLU A 54 -1.67 -26.51 -10.19
C GLU A 54 -1.89 -25.09 -10.68
N ILE A 55 -2.90 -24.43 -10.14
CA ILE A 55 -3.16 -23.06 -10.52
C ILE A 55 -2.00 -22.22 -10.06
N LYS A 56 -1.59 -22.41 -8.81
CA LYS A 56 -0.49 -21.60 -8.31
C LYS A 56 0.74 -21.76 -9.20
N LYS A 57 1.04 -22.99 -9.61
CA LYS A 57 2.20 -23.21 -10.44
C LYS A 57 2.11 -22.44 -11.75
N ARG A 58 0.95 -22.43 -12.37
CA ARG A 58 0.79 -21.70 -13.62
C ARG A 58 0.92 -20.21 -13.40
N VAL A 59 0.35 -19.70 -12.32
CA VAL A 59 0.39 -18.28 -12.07
C VAL A 59 1.83 -17.83 -11.82
N PHE A 60 2.59 -18.61 -11.06
CA PHE A 60 3.96 -18.28 -10.80
C PHE A 60 4.78 -18.28 -12.10
N GLN A 61 4.52 -19.26 -12.97
CA GLN A 61 5.23 -19.30 -14.25
C GLN A 61 4.98 -18.02 -15.03
N LEU A 62 3.72 -17.60 -15.05
CA LEU A 62 3.38 -16.41 -15.80
C LEU A 62 4.03 -15.18 -15.20
N PHE A 63 4.09 -15.11 -13.88
CA PHE A 63 4.76 -13.99 -13.22
C PHE A 63 6.21 -13.91 -13.67
N GLU A 64 6.91 -15.05 -13.68
CA GLU A 64 8.32 -15.05 -14.07
C GLU A 64 8.51 -14.52 -15.47
N LEU A 65 7.61 -14.92 -16.37
CA LEU A 65 7.71 -14.47 -17.75
C LEU A 65 7.48 -12.97 -17.83
N ALA A 66 6.51 -12.49 -17.06
CA ALA A 66 6.21 -11.07 -17.06
C ALA A 66 7.36 -10.26 -16.48
N ASP A 67 7.99 -10.78 -15.45
CA ASP A 67 9.08 -10.08 -14.81
C ASP A 67 10.23 -9.88 -15.78
N LYS A 68 10.55 -10.93 -16.53
CA LYS A 68 11.61 -10.84 -17.51
C LYS A 68 11.25 -9.83 -18.60
N ALA A 69 10.02 -9.91 -19.11
CA ALA A 69 9.59 -9.02 -20.18
C ALA A 69 9.66 -7.58 -19.73
N TYR A 70 9.28 -7.33 -18.49
CA TYR A 70 9.31 -6.00 -17.96
C TYR A 70 10.72 -5.44 -17.95
N LYS A 71 11.65 -6.19 -17.40
CA LYS A 71 13.02 -5.73 -17.29
C LYS A 71 13.65 -5.44 -18.65
N ASN A 72 13.30 -6.22 -19.65
CA ASN A 72 13.87 -6.05 -20.98
C ASN A 72 13.04 -5.16 -21.90
N ASN A 73 12.02 -4.50 -21.35
CA ASN A 73 11.15 -3.61 -22.12
C ASN A 73 10.50 -4.29 -23.33
N ASP A 74 10.07 -5.53 -23.17
CA ASP A 74 9.35 -6.23 -24.23
C ASP A 74 7.86 -6.07 -24.04
N ARG A 75 7.28 -5.06 -24.68
CA ARG A 75 5.88 -4.74 -24.42
C ARG A 75 4.96 -5.86 -24.85
N GLN A 76 5.23 -6.46 -26.00
CA GLN A 76 4.32 -7.47 -26.51
C GLN A 76 4.28 -8.69 -25.61
N LYS A 77 5.44 -9.10 -25.10
CA LYS A 77 5.45 -10.26 -24.24
C LYS A 77 4.74 -9.98 -22.95
N LEU A 78 4.92 -8.78 -22.41
CA LEU A 78 4.29 -8.43 -21.15
C LEU A 78 2.77 -8.40 -21.33
N GLU A 79 2.31 -7.85 -22.46
CA GLU A 79 0.88 -7.79 -22.72
C GLU A 79 0.30 -9.19 -22.83
N LYS A 80 1.04 -10.09 -23.46
CA LYS A 80 0.56 -11.45 -23.63
C LYS A 80 0.35 -12.14 -22.30
N VAL A 81 1.27 -11.95 -21.37
CA VAL A 81 1.10 -12.58 -20.08
C VAL A 81 -0.12 -12.02 -19.37
N VAL A 82 -0.32 -10.72 -19.46
CA VAL A 82 -1.47 -10.11 -18.84
C VAL A 82 -2.76 -10.67 -19.40
N GLU A 83 -2.82 -10.87 -20.72
CA GLU A 83 -4.02 -11.44 -21.32
C GLU A 83 -4.27 -12.85 -20.79
N GLU A 84 -3.19 -13.62 -20.64
CA GLU A 84 -3.32 -14.98 -20.14
C GLU A 84 -3.81 -14.97 -18.70
N LEU A 85 -3.29 -14.05 -17.90
CA LEU A 85 -3.70 -13.95 -16.52
C LEU A 85 -5.15 -13.54 -16.41
N LYS A 86 -5.61 -12.66 -17.28
CA LYS A 86 -7.00 -12.28 -17.20
C LYS A 86 -7.91 -13.47 -17.49
N GLU A 87 -7.58 -14.28 -18.50
CA GLU A 87 -8.43 -15.42 -18.79
C GLU A 87 -8.43 -16.38 -17.63
N LEU A 88 -7.26 -16.58 -17.02
CA LEU A 88 -7.11 -17.47 -15.90
C LEU A 88 -7.99 -17.02 -14.75
N LEU A 89 -7.90 -15.75 -14.41
CA LEU A 89 -8.63 -15.23 -13.28
C LEU A 89 -10.13 -15.23 -13.54
N GLU A 90 -10.55 -14.91 -14.75
CA GLU A 90 -11.97 -14.91 -15.04
C GLU A 90 -12.54 -16.29 -14.84
N ARG A 91 -11.80 -17.31 -15.25
CA ARG A 91 -12.27 -18.67 -15.07
C ARG A 91 -12.41 -19.01 -13.60
N LEU A 92 -11.45 -18.56 -12.78
CA LEU A 92 -11.51 -18.86 -11.36
C LEU A 92 -12.67 -18.16 -10.68
N LEU A 93 -12.92 -16.92 -11.08
CA LEU A 93 -13.97 -16.13 -10.46
C LEU A 93 -15.39 -16.57 -10.86
N SER A 94 -15.58 -16.96 -12.13
CA SER A 94 -16.86 -17.40 -12.66
C SER A 94 -17.02 -18.91 -12.43
N ASN B 334 2.61 25.19 21.96
CA ASN B 334 3.23 23.98 21.44
C ASN B 334 2.26 23.27 20.47
N LEU B 335 2.44 23.48 19.16
CA LEU B 335 1.60 22.87 18.12
C LEU B 335 2.16 21.53 17.71
N CYS B 336 1.28 20.59 17.33
CA CYS B 336 1.67 19.27 16.85
C CYS B 336 2.34 19.34 15.49
N PRO B 337 3.37 18.52 15.25
CA PRO B 337 4.17 18.49 14.06
C PRO B 337 3.47 17.81 12.90
N PHE B 338 2.31 18.32 12.52
CA PHE B 338 1.63 17.75 11.39
C PHE B 338 2.34 18.16 10.12
N GLY B 339 3.04 19.29 10.19
CA GLY B 339 3.81 19.77 9.05
C GLY B 339 5.01 18.87 8.75
N GLU B 340 5.33 17.96 9.66
CA GLU B 340 6.43 17.04 9.44
C GLU B 340 5.91 15.72 8.88
N VAL B 341 4.58 15.61 8.77
CA VAL B 341 3.92 14.41 8.32
C VAL B 341 3.26 14.62 6.97
N PHE B 342 2.42 15.64 6.89
CA PHE B 342 1.67 15.94 5.68
C PHE B 342 2.51 16.65 4.61
N ASN B 343 3.48 17.46 5.05
CA ASN B 343 4.38 18.25 4.20
C ASN B 343 5.80 17.67 4.17
N ALA B 344 5.95 16.37 4.46
CA ALA B 344 7.25 15.68 4.47
C ALA B 344 7.86 15.70 3.06
N THR B 345 9.18 15.83 3.00
CA THR B 345 9.85 15.87 1.71
C THR B 345 9.76 14.53 1.01
N ARG B 346 9.80 13.47 1.79
CA ARG B 346 9.69 12.15 1.24
C ARG B 346 8.84 11.26 2.10
N PHE B 347 7.96 10.50 1.47
CA PHE B 347 7.16 9.51 2.15
C PHE B 347 7.78 8.15 2.01
N ALA B 348 7.55 7.33 3.01
CA ALA B 348 8.04 5.96 3.02
C ALA B 348 7.29 5.11 2.03
N SER B 349 7.94 4.04 1.61
CA SER B 349 7.30 3.05 0.77
C SER B 349 6.28 2.29 1.60
N VAL B 350 5.29 1.71 0.95
CA VAL B 350 4.23 1.06 1.71
C VAL B 350 4.69 -0.18 2.44
N TYR B 351 5.69 -0.89 1.94
CA TYR B 351 6.13 -2.10 2.63
C TYR B 351 6.82 -1.78 3.95
N ALA B 352 7.25 -0.54 4.13
CA ALA B 352 7.99 -0.13 5.32
C ALA B 352 7.54 1.22 5.80
N TRP B 353 6.24 1.36 6.03
CA TRP B 353 5.64 2.64 6.38
C TRP B 353 6.25 3.27 7.61
N ASN B 354 6.25 4.60 7.63
CA ASN B 354 6.88 5.34 8.71
C ASN B 354 5.89 5.81 9.77
N ARG B 355 6.06 5.30 10.99
CA ARG B 355 5.18 5.70 12.09
C ARG B 355 5.74 6.86 12.90
N LYS B 356 5.07 8.00 12.81
CA LYS B 356 5.46 9.18 13.56
C LYS B 356 4.57 9.32 14.78
N ARG B 357 5.15 9.33 15.97
CA ARG B 357 4.34 9.44 17.17
C ARG B 357 4.14 10.89 17.58
N ILE B 358 2.88 11.27 17.76
CA ILE B 358 2.51 12.61 18.14
C ILE B 358 1.93 12.64 19.57
N SER B 359 2.52 13.48 20.42
CA SER B 359 2.09 13.60 21.81
C SER B 359 2.46 14.95 22.41
N ASN B 360 1.88 15.29 23.56
CA ASN B 360 2.24 16.51 24.29
C ASN B 360 2.20 17.79 23.44
N CYS B 361 1.11 18.00 22.70
CA CYS B 361 0.96 19.14 21.78
C CYS B 361 -0.50 19.45 21.47
N VAL B 362 -0.72 20.57 20.78
CA VAL B 362 -2.06 20.96 20.35
C VAL B 362 -2.31 20.53 18.91
N ALA B 363 -3.33 19.71 18.73
CA ALA B 363 -3.65 19.13 17.45
C ALA B 363 -4.85 19.80 16.81
N ASP B 364 -4.58 20.66 15.83
CA ASP B 364 -5.66 21.35 15.13
C ASP B 364 -6.06 20.52 13.92
N TYR B 365 -7.27 19.98 13.93
CA TYR B 365 -7.66 19.09 12.85
C TYR B 365 -8.52 19.80 11.83
N SER B 366 -8.78 21.10 12.01
CA SER B 366 -9.66 21.81 11.09
C SER B 366 -8.94 22.09 9.80
N VAL B 367 -7.63 22.24 9.90
CA VAL B 367 -6.81 22.50 8.74
C VAL B 367 -6.72 21.28 7.86
N LEU B 368 -6.79 20.10 8.47
CA LEU B 368 -6.70 18.88 7.70
C LEU B 368 -8.04 18.53 7.06
N TYR B 369 -9.12 18.76 7.78
CA TYR B 369 -10.43 18.44 7.23
C TYR B 369 -10.83 19.38 6.11
N ASN B 370 -10.59 20.67 6.30
CA ASN B 370 -11.03 21.68 5.34
C ASN B 370 -9.96 22.09 4.34
N SER B 371 -8.87 21.32 4.25
CA SER B 371 -7.78 21.68 3.34
C SER B 371 -8.24 21.70 1.89
N ALA B 372 -9.22 20.87 1.58
CA ALA B 372 -9.79 20.74 0.24
C ALA B 372 -8.75 20.30 -0.79
N SER B 373 -7.65 19.73 -0.30
CA SER B 373 -6.61 19.20 -1.18
C SER B 373 -6.56 17.70 -1.04
N PHE B 374 -7.45 17.17 -0.23
CA PHE B 374 -7.49 15.74 0.05
C PHE B 374 -8.63 15.11 -0.70
N SER B 375 -8.38 13.97 -1.31
CA SER B 375 -9.43 13.30 -2.05
C SER B 375 -10.13 12.29 -1.16
N THR B 376 -9.41 11.82 -0.16
CA THR B 376 -9.95 10.84 0.77
C THR B 376 -9.79 11.33 2.19
N PHE B 377 -10.87 11.25 2.95
CA PHE B 377 -10.84 11.56 4.36
C PHE B 377 -11.87 10.69 5.04
N LYS B 378 -11.48 9.50 5.44
CA LYS B 378 -12.43 8.56 6.01
C LYS B 378 -12.08 8.26 7.45
N CYS B 379 -13.02 8.50 8.36
CA CYS B 379 -12.80 8.25 9.80
C CYS B 379 -13.63 7.09 10.28
N TYR B 380 -13.03 6.33 11.18
CA TYR B 380 -13.65 5.17 11.76
C TYR B 380 -13.65 5.32 13.27
N GLY B 381 -14.83 5.20 13.87
CA GLY B 381 -14.95 5.31 15.32
C GLY B 381 -15.05 6.76 15.76
N VAL B 382 -14.94 7.69 14.82
CA VAL B 382 -14.99 9.10 15.13
C VAL B 382 -15.49 9.90 13.94
N SER B 383 -16.24 10.97 14.20
CA SER B 383 -16.71 11.85 13.14
C SER B 383 -15.67 12.93 12.87
N PRO B 384 -15.27 13.18 11.61
CA PRO B 384 -14.26 14.15 11.22
C PRO B 384 -14.46 15.53 11.81
N THR B 385 -15.71 15.95 11.95
CA THR B 385 -15.99 17.29 12.41
C THR B 385 -16.03 17.42 13.91
N LYS B 386 -15.81 16.32 14.61
CA LYS B 386 -15.80 16.33 16.06
C LYS B 386 -14.41 16.09 16.59
N LEU B 387 -13.41 16.03 15.71
CA LEU B 387 -12.06 15.70 16.16
C LEU B 387 -11.48 16.73 17.12
N ASN B 388 -11.83 18.00 16.95
CA ASN B 388 -11.28 19.05 17.78
C ASN B 388 -11.84 19.03 19.19
N ASP B 389 -12.90 18.26 19.41
CA ASP B 389 -13.53 18.20 20.70
C ASP B 389 -13.04 17.01 21.52
N LEU B 390 -12.15 16.22 20.94
CA LEU B 390 -11.67 15.03 21.63
C LEU B 390 -10.24 15.20 22.06
N CYS B 391 -9.85 14.54 23.16
CA CYS B 391 -8.45 14.44 23.56
C CYS B 391 -7.98 13.00 23.54
N PHE B 392 -6.71 12.83 23.19
CA PHE B 392 -6.17 11.50 22.98
C PHE B 392 -4.93 11.22 23.82
N THR B 393 -4.75 9.95 24.13
CA THR B 393 -3.55 9.48 24.80
C THR B 393 -2.38 9.66 23.86
N ASN B 394 -2.58 9.20 22.64
CA ASN B 394 -1.60 9.26 21.57
C ASN B 394 -2.23 9.41 20.22
N VAL B 395 -1.47 9.99 19.30
CA VAL B 395 -1.84 10.00 17.90
C VAL B 395 -0.68 9.44 17.10
N TYR B 396 -0.93 8.44 16.26
CA TYR B 396 0.17 7.92 15.45
C TYR B 396 -0.11 8.18 13.99
N ALA B 397 0.82 8.81 13.33
CA ALA B 397 0.65 9.10 11.92
C ALA B 397 1.48 8.16 11.08
N ASP B 398 0.82 7.18 10.48
CA ASP B 398 1.51 6.21 9.65
C ASP B 398 1.49 6.68 8.22
N SER B 399 2.64 7.07 7.70
CA SER B 399 2.68 7.65 6.37
C SER B 399 3.34 6.75 5.34
N PHE B 400 2.76 6.72 4.15
CA PHE B 400 3.28 5.94 3.04
C PHE B 400 2.70 6.32 1.67
N VAL B 401 3.34 5.84 0.60
CA VAL B 401 2.79 6.02 -0.74
C VAL B 401 2.29 4.73 -1.38
N ILE B 402 1.06 4.79 -1.87
CA ILE B 402 0.42 3.70 -2.58
C ILE B 402 -0.20 4.15 -3.87
N ARG B 403 -0.67 3.20 -4.65
CA ARG B 403 -1.31 3.49 -5.91
C ARG B 403 -2.78 3.83 -5.71
N GLY B 404 -3.31 4.70 -6.56
CA GLY B 404 -4.70 5.15 -6.50
C GLY B 404 -5.73 4.05 -6.26
N ASP B 405 -5.69 2.99 -7.06
CA ASP B 405 -6.68 1.93 -6.90
C ASP B 405 -6.59 1.21 -5.55
N GLU B 406 -5.46 1.32 -4.87
CA GLU B 406 -5.22 0.63 -3.62
C GLU B 406 -5.66 1.45 -2.41
N VAL B 407 -6.11 2.67 -2.64
CA VAL B 407 -6.52 3.51 -1.52
C VAL B 407 -7.68 2.90 -0.78
N ARG B 408 -8.55 2.21 -1.50
CA ARG B 408 -9.71 1.58 -0.91
C ARG B 408 -9.34 0.46 0.07
N GLN B 409 -8.10 -0.02 0.02
CA GLN B 409 -7.67 -1.09 0.91
C GLN B 409 -7.21 -0.55 2.24
N ILE B 410 -7.05 0.76 2.37
CA ILE B 410 -6.59 1.29 3.63
C ILE B 410 -7.82 1.57 4.48
N ALA B 411 -8.36 0.51 5.01
CA ALA B 411 -9.56 0.56 5.81
C ALA B 411 -9.68 -0.74 6.59
N PRO B 412 -10.33 -0.74 7.75
CA PRO B 412 -10.60 -1.89 8.55
C PRO B 412 -11.50 -2.85 7.80
N GLY B 413 -11.20 -4.14 7.91
CA GLY B 413 -12.03 -5.16 7.30
C GLY B 413 -11.71 -5.41 5.82
N GLN B 414 -10.75 -4.69 5.26
CA GLN B 414 -10.44 -4.88 3.85
C GLN B 414 -9.33 -5.89 3.62
N THR B 415 -9.31 -6.43 2.40
CA THR B 415 -8.31 -7.39 1.95
C THR B 415 -7.67 -6.93 0.66
N GLY B 416 -6.62 -7.60 0.23
CA GLY B 416 -5.91 -7.23 -0.99
C GLY B 416 -4.42 -7.21 -0.72
N LYS B 417 -3.60 -7.06 -1.75
CA LYS B 417 -2.17 -7.14 -1.48
C LYS B 417 -1.65 -6.10 -0.51
N ILE B 418 -2.29 -4.93 -0.42
CA ILE B 418 -1.77 -3.95 0.52
C ILE B 418 -2.34 -4.26 1.89
N ALA B 419 -3.63 -4.48 1.96
CA ALA B 419 -4.25 -4.77 3.24
C ALA B 419 -3.67 -6.02 3.89
N ASP B 420 -3.30 -7.02 3.08
CA ASP B 420 -2.80 -8.26 3.62
C ASP B 420 -1.29 -8.34 3.83
N TYR B 421 -0.48 -7.75 2.95
CA TYR B 421 0.97 -7.91 3.07
C TYR B 421 1.77 -6.64 3.37
N ASN B 422 1.16 -5.47 3.32
CA ASN B 422 1.94 -4.26 3.53
C ASN B 422 1.49 -3.41 4.72
N TYR B 423 0.19 -3.16 4.80
CA TYR B 423 -0.34 -2.31 5.85
C TYR B 423 -1.71 -2.76 6.29
N LYS B 424 -1.75 -3.47 7.40
CA LYS B 424 -3.00 -4.03 7.88
C LYS B 424 -3.62 -3.21 9.00
N LEU B 425 -4.85 -2.77 8.80
CA LEU B 425 -5.58 -2.08 9.85
C LEU B 425 -6.53 -3.08 10.50
N PRO B 426 -6.66 -3.07 11.82
CA PRO B 426 -7.49 -3.95 12.60
C PRO B 426 -8.95 -3.66 12.36
N ASP B 427 -9.80 -4.66 12.53
CA ASP B 427 -11.24 -4.49 12.31
C ASP B 427 -11.85 -3.44 13.23
N ASP B 428 -11.26 -3.25 14.41
CA ASP B 428 -11.75 -2.28 15.37
C ASP B 428 -10.92 -0.99 15.35
N PHE B 429 -10.28 -0.73 14.22
CA PHE B 429 -9.49 0.48 14.05
C PHE B 429 -10.24 1.75 14.33
N THR B 430 -9.60 2.62 15.11
CA THR B 430 -10.13 3.93 15.40
C THR B 430 -9.13 4.95 14.91
N GLY B 431 -9.59 5.85 14.06
CA GLY B 431 -8.68 6.83 13.48
C GLY B 431 -9.21 7.34 12.15
N CYS B 432 -8.39 8.14 11.46
CA CYS B 432 -8.76 8.74 10.17
C CYS B 432 -7.72 8.47 9.10
N VAL B 433 -8.20 8.08 7.92
CA VAL B 433 -7.35 7.82 6.77
C VAL B 433 -7.45 8.96 5.79
N ILE B 434 -6.34 9.62 5.57
CA ILE B 434 -6.30 10.79 4.72
C ILE B 434 -5.39 10.56 3.53
N ALA B 435 -5.87 10.84 2.32
CA ALA B 435 -5.01 10.63 1.17
C ALA B 435 -5.22 11.67 0.09
N TRP B 436 -4.16 11.95 -0.66
CA TRP B 436 -4.26 12.90 -1.75
C TRP B 436 -3.38 12.56 -2.93
N ASN B 437 -3.79 13.06 -4.08
CA ASN B 437 -3.06 12.82 -5.31
C ASN B 437 -1.76 13.60 -5.29
N SER B 438 -0.66 12.87 -5.38
CA SER B 438 0.66 13.47 -5.25
C SER B 438 1.46 13.32 -6.52
N ASN B 439 0.76 13.23 -7.64
CA ASN B 439 1.39 13.03 -8.94
C ASN B 439 2.44 14.08 -9.29
N ASN B 440 2.27 15.29 -8.79
CA ASN B 440 3.22 16.33 -9.15
C ASN B 440 4.43 16.35 -8.21
N LEU B 441 4.45 15.43 -7.25
CA LEU B 441 5.55 15.37 -6.31
C LEU B 441 6.35 14.08 -6.45
N ASP B 442 5.65 12.96 -6.56
CA ASP B 442 6.29 11.65 -6.55
C ASP B 442 6.40 10.99 -7.91
N SER B 443 6.26 11.76 -8.98
CA SER B 443 6.35 11.17 -10.31
C SER B 443 7.24 11.99 -11.24
N LYS B 444 8.34 11.37 -11.66
CA LYS B 444 9.33 11.99 -12.53
C LYS B 444 9.00 11.68 -13.97
N VAL B 445 9.53 12.47 -14.90
CA VAL B 445 9.24 12.28 -16.31
C VAL B 445 9.58 10.88 -16.81
N GLY B 446 10.69 10.31 -16.35
CA GLY B 446 11.09 8.98 -16.80
C GLY B 446 10.52 7.88 -15.91
N GLY B 447 9.79 8.25 -14.88
CA GLY B 447 9.20 7.28 -13.95
C GLY B 447 9.95 7.20 -12.63
N ASN B 448 9.20 7.28 -11.53
CA ASN B 448 9.76 7.18 -10.20
C ASN B 448 9.61 5.75 -9.69
N TYR B 449 10.73 5.05 -9.56
CA TYR B 449 10.74 3.64 -9.20
C TYR B 449 11.27 3.40 -7.80
N ASN B 450 11.25 4.42 -6.95
CA ASN B 450 11.79 4.28 -5.61
C ASN B 450 10.77 3.82 -4.58
N TYR B 451 9.55 3.58 -5.01
CA TYR B 451 8.51 3.15 -4.09
C TYR B 451 8.23 1.67 -4.24
N LEU B 452 8.45 0.94 -3.16
CA LEU B 452 8.30 -0.50 -3.16
C LEU B 452 7.11 -0.99 -2.36
N TYR B 453 6.59 -2.13 -2.78
CA TYR B 453 5.53 -2.82 -2.06
C TYR B 453 5.80 -4.31 -2.05
N ARG B 454 5.26 -5.01 -1.07
CA ARG B 454 5.42 -6.44 -0.97
C ARG B 454 4.32 -7.17 -1.70
N LEU B 455 4.72 -8.05 -2.61
CA LEU B 455 3.78 -8.84 -3.38
C LEU B 455 3.70 -10.25 -2.83
N PHE B 456 4.83 -10.77 -2.36
CA PHE B 456 4.81 -12.15 -1.89
C PHE B 456 5.13 -12.25 -0.41
N ARG B 457 4.32 -13.01 0.30
CA ARG B 457 4.53 -13.26 1.72
C ARG B 457 3.95 -14.61 2.08
N LYS B 458 4.57 -15.30 3.03
CA LYS B 458 4.10 -16.61 3.46
C LYS B 458 2.71 -16.57 4.10
N SER B 459 2.40 -15.48 4.80
CA SER B 459 1.12 -15.33 5.47
C SER B 459 0.73 -13.87 5.58
N ASN B 460 -0.48 -13.61 6.06
CA ASN B 460 -0.99 -12.25 6.22
C ASN B 460 -0.35 -11.57 7.42
N LEU B 461 -0.32 -10.24 7.38
CA LEU B 461 0.21 -9.42 8.48
C LEU B 461 -0.73 -9.30 9.65
N LYS B 462 -0.13 -9.12 10.83
CA LYS B 462 -0.89 -8.76 11.99
C LYS B 462 -1.13 -7.25 11.89
N PRO B 463 -2.17 -6.69 12.51
CA PRO B 463 -2.45 -5.29 12.49
C PRO B 463 -1.22 -4.49 12.90
N PHE B 464 -0.90 -3.50 12.09
CA PHE B 464 0.23 -2.60 12.28
C PHE B 464 1.60 -3.28 12.34
N GLU B 465 1.73 -4.44 11.70
CA GLU B 465 3.02 -5.10 11.62
C GLU B 465 3.84 -4.56 10.45
N ARG B 466 5.13 -4.31 10.68
CA ARG B 466 6.02 -3.84 9.62
C ARG B 466 6.99 -4.93 9.20
N ASP B 467 6.68 -5.63 8.12
CA ASP B 467 7.58 -6.66 7.65
C ASP B 467 8.48 -6.08 6.59
N ILE B 468 9.74 -5.87 6.95
CA ILE B 468 10.68 -5.22 6.06
C ILE B 468 11.81 -6.16 5.66
N SER B 469 11.56 -7.45 5.86
CA SER B 469 12.51 -8.48 5.48
C SER B 469 12.61 -8.58 3.98
N THR B 470 13.79 -8.88 3.48
CA THR B 470 13.99 -9.04 2.04
C THR B 470 14.27 -10.49 1.66
N GLU B 471 14.02 -11.41 2.59
CA GLU B 471 14.27 -12.81 2.35
C GLU B 471 13.49 -13.32 1.15
N ILE B 472 14.16 -14.06 0.29
CA ILE B 472 13.55 -14.55 -0.94
C ILE B 472 12.35 -15.43 -0.64
N TYR B 473 11.24 -15.13 -1.30
CA TYR B 473 10.01 -15.84 -1.10
C TYR B 473 10.07 -17.24 -1.65
N GLN B 474 9.67 -18.18 -0.84
CA GLN B 474 9.67 -19.58 -1.20
C GLN B 474 8.33 -19.97 -1.81
N ALA B 475 8.28 -20.07 -3.13
CA ALA B 475 7.03 -20.41 -3.79
C ALA B 475 6.92 -21.92 -4.00
N GLY B 476 8.05 -22.52 -4.33
CA GLY B 476 8.07 -23.95 -4.62
C GLY B 476 8.38 -24.77 -3.38
N SER B 477 8.54 -26.08 -3.57
CA SER B 477 8.85 -26.98 -2.46
C SER B 477 10.34 -27.15 -2.23
N THR B 478 11.14 -26.67 -3.17
CA THR B 478 12.59 -26.81 -3.10
C THR B 478 13.19 -25.50 -2.56
N PRO B 479 13.91 -25.51 -1.43
CA PRO B 479 14.46 -24.35 -0.75
C PRO B 479 15.27 -23.43 -1.68
N CYS B 480 14.95 -22.13 -1.64
CA CYS B 480 15.57 -21.08 -2.44
C CYS B 480 17.01 -20.78 -1.99
N ASN B 481 17.26 -20.89 -0.70
CA ASN B 481 18.58 -20.64 -0.15
C ASN B 481 19.11 -19.23 -0.44
N GLY B 482 18.21 -18.25 -0.48
CA GLY B 482 18.59 -16.86 -0.67
C GLY B 482 18.83 -16.43 -2.12
N VAL B 483 18.59 -17.31 -3.09
CA VAL B 483 18.84 -16.94 -4.47
C VAL B 483 17.58 -16.94 -5.33
N GLU B 484 17.40 -15.89 -6.12
CA GLU B 484 16.25 -15.75 -7.01
C GLU B 484 16.32 -16.74 -8.16
N GLY B 485 15.17 -17.16 -8.66
CA GLY B 485 15.15 -18.15 -9.74
C GLY B 485 13.80 -18.84 -9.84
N PHE B 486 13.82 -20.10 -10.27
CA PHE B 486 12.60 -20.86 -10.46
C PHE B 486 11.85 -21.04 -9.14
N ASN B 487 10.64 -20.48 -9.10
CA ASN B 487 9.82 -20.48 -7.90
C ASN B 487 10.51 -19.88 -6.65
N CYS B 488 11.31 -18.82 -6.88
CA CYS B 488 12.03 -18.05 -5.86
C CYS B 488 11.99 -16.58 -6.24
N TYR B 489 11.42 -15.75 -5.38
CA TYR B 489 11.25 -14.36 -5.78
C TYR B 489 11.71 -13.34 -4.77
N PHE B 490 12.21 -12.23 -5.25
CA PHE B 490 12.45 -11.14 -4.34
C PHE B 490 11.05 -10.61 -4.06
N PRO B 491 10.63 -10.53 -2.80
CA PRO B 491 9.27 -10.25 -2.40
C PRO B 491 8.77 -8.85 -2.71
N LEU B 492 9.67 -7.92 -2.98
CA LEU B 492 9.27 -6.53 -3.21
C LEU B 492 9.27 -6.15 -4.67
N GLN B 493 8.23 -5.47 -5.07
CA GLN B 493 8.03 -4.96 -6.41
C GLN B 493 8.05 -3.44 -6.38
N SER B 494 8.34 -2.80 -7.50
CA SER B 494 8.31 -1.34 -7.51
C SER B 494 7.06 -0.81 -8.19
N TYR B 495 6.71 0.43 -7.88
CA TYR B 495 5.63 1.12 -8.56
C TYR B 495 6.17 2.04 -9.63
N GLY B 496 5.87 1.79 -10.89
CA GLY B 496 6.38 2.64 -11.95
C GLY B 496 5.55 3.90 -12.09
N PHE B 497 5.77 4.88 -11.22
CA PHE B 497 4.90 6.04 -11.28
C PHE B 497 5.44 7.07 -12.27
N GLN B 498 4.81 7.13 -13.43
CA GLN B 498 5.12 8.12 -14.46
C GLN B 498 3.97 9.12 -14.52
N PRO B 499 4.19 10.36 -14.95
CA PRO B 499 3.20 11.43 -15.01
C PRO B 499 2.09 11.32 -16.03
N THR B 500 2.16 10.31 -16.88
CA THR B 500 1.16 10.15 -17.93
C THR B 500 0.14 9.08 -17.57
N ASN B 501 0.26 8.51 -16.38
CA ASN B 501 -0.65 7.45 -15.96
C ASN B 501 -2.08 7.93 -15.81
N GLY B 502 -3.02 6.99 -15.90
CA GLY B 502 -4.43 7.26 -15.67
C GLY B 502 -4.67 7.38 -14.19
N VAL B 503 -5.89 7.67 -13.77
CA VAL B 503 -6.16 7.94 -12.38
C VAL B 503 -5.83 6.80 -11.43
N GLY B 504 -6.19 5.58 -11.80
CA GLY B 504 -5.99 4.44 -10.92
C GLY B 504 -4.51 4.12 -10.72
N TYR B 505 -3.66 4.67 -11.58
CA TYR B 505 -2.25 4.40 -11.52
C TYR B 505 -1.46 5.60 -11.01
N GLN B 506 -2.17 6.57 -10.45
CA GLN B 506 -1.50 7.74 -9.88
C GLN B 506 -1.02 7.37 -8.50
N PRO B 507 0.06 7.95 -8.01
CA PRO B 507 0.51 7.84 -6.65
C PRO B 507 -0.35 8.66 -5.73
N TYR B 508 -0.60 8.15 -4.55
CA TYR B 508 -1.28 8.87 -3.51
C TYR B 508 -0.50 8.83 -2.22
N ARG B 509 -0.43 9.96 -1.56
CA ARG B 509 0.21 10.02 -0.28
C ARG B 509 -0.82 9.77 0.77
N VAL B 510 -0.56 8.80 1.61
CA VAL B 510 -1.52 8.39 2.60
C VAL B 510 -1.00 8.58 4.00
N VAL B 511 -1.80 9.24 4.83
CA VAL B 511 -1.47 9.38 6.22
C VAL B 511 -2.60 8.81 7.05
N VAL B 512 -2.29 7.85 7.89
CA VAL B 512 -3.32 7.28 8.74
C VAL B 512 -3.09 7.72 10.17
N LEU B 513 -4.06 8.42 10.74
CA LEU B 513 -3.95 8.89 12.10
C LEU B 513 -4.69 7.96 13.03
N SER B 514 -3.94 7.15 13.76
CA SER B 514 -4.53 6.19 14.68
C SER B 514 -4.68 6.83 16.04
N PHE B 515 -5.85 6.70 16.63
CA PHE B 515 -6.09 7.38 17.89
C PHE B 515 -6.22 6.44 19.08
N GLU B 516 -5.50 6.73 20.14
CA GLU B 516 -5.64 6.00 21.40
C GLU B 516 -6.44 6.83 22.37
N LEU B 517 -7.58 6.29 22.82
CA LEU B 517 -8.48 7.00 23.73
C LEU B 517 -8.65 6.23 25.03
N LEU B 518 -7.58 5.60 25.48
CA LEU B 518 -7.54 4.82 26.70
C LEU B 518 -7.41 5.74 27.90
N HIS B 519 -7.73 5.27 29.09
CA HIS B 519 -7.54 6.12 30.25
C HIS B 519 -6.08 6.55 30.29
N ALA B 520 -5.87 7.86 30.38
CA ALA B 520 -4.53 8.41 30.28
C ALA B 520 -4.54 9.89 30.66
N PRO B 521 -3.37 10.51 30.82
CA PRO B 521 -3.17 11.94 30.91
C PRO B 521 -3.73 12.70 29.69
N ALA B 522 -3.94 11.98 28.58
CA ALA B 522 -4.48 12.60 27.37
C ALA B 522 -3.64 13.80 26.96
N THR B 523 -2.42 13.54 26.55
CA THR B 523 -1.45 14.60 26.32
C THR B 523 -1.60 15.36 25.01
N VAL B 524 -2.28 14.81 24.02
CA VAL B 524 -2.39 15.54 22.75
C VAL B 524 -3.83 15.76 22.36
N CYS B 525 -4.23 17.03 22.12
CA CYS B 525 -5.61 17.31 21.74
C CYS B 525 -5.88 18.68 21.15
N GLY B 526 -7.14 18.91 20.79
CA GLY B 526 -7.54 20.10 20.09
C GLY B 526 -7.22 21.38 20.86
N PRO B 527 -7.39 22.58 20.22
CA PRO B 527 -7.01 23.88 20.74
C PRO B 527 -7.93 24.31 21.86
C1 NAG C . 1.37 22.04 4.24
C2 NAG C . 0.48 22.67 5.36
C3 NAG C . -0.55 23.59 4.70
C4 NAG C . 0.19 24.68 3.90
C5 NAG C . 1.07 24.00 2.84
C6 NAG C . 1.86 25.02 2.01
C7 NAG C . 0.30 21.16 7.25
C8 NAG C . -0.39 20.06 8.01
N2 NAG C . -0.19 21.59 6.09
O3 NAG C . -1.37 24.20 5.71
O4 NAG C . -0.78 25.50 3.22
O5 NAG C . 2.01 23.08 3.49
O6 NAG C . 3.27 24.94 2.23
O7 NAG C . 1.32 21.67 7.71
C1 NAG C . -0.79 26.95 3.65
C2 NAG C . -1.40 27.80 2.46
C3 NAG C . -1.38 29.29 2.90
C4 NAG C . -2.22 29.44 4.20
C5 NAG C . -1.59 28.54 5.31
C6 NAG C . -2.37 28.61 6.61
C7 NAG C . -0.77 26.76 0.32
C8 NAG C . 0.13 26.67 -0.87
N2 NAG C . -0.53 27.67 1.26
O3 NAG C . -1.95 30.10 1.86
O4 NAG C . -2.21 30.82 4.60
O5 NAG C . -1.57 27.14 4.85
O6 NAG C . -3.76 28.36 6.43
O7 NAG C . -1.73 25.98 0.41
C1 FUC C . 3.79 25.99 3.15
C2 FUC C . 5.31 25.75 3.38
C3 FUC C . 6.05 25.99 2.03
C4 FUC C . 5.76 27.44 1.54
C5 FUC C . 4.21 27.60 1.38
C6 FUC C . 3.80 28.98 0.92
O2 FUC C . 5.54 24.42 3.84
O3 FUC C . 7.45 25.79 2.21
O4 FUC C . 6.27 28.41 2.46
O5 FUC C . 3.53 27.33 2.66
#